data_8S6B
#
_entry.id   8S6B
#
_cell.length_a   1.00
_cell.length_b   1.00
_cell.length_c   1.00
_cell.angle_alpha   90.00
_cell.angle_beta   90.00
_cell.angle_gamma   90.00
#
_symmetry.space_group_name_H-M   'P 1'
#
_entity_poly.entity_id   1
_entity_poly.type   'polypeptide(L)'
_entity_poly.pdbx_seq_one_letter_code
;PREPRPNEECLQILGNAEKGAKFLSDAEIIQLVNAKHIPAYKLETLMETHERGVSIRRQLLSKKLSEPSSLQYLPYRDYN
YSLVMGACCENVIGYMPIPVGVAGPLCLDEKEFQVPMATTEGCLVASTNRGCRAIGLGGGASSRVLADGMTRGPVVRLPR
ACDSAEVKAWLETSEGFAVIKEAFDSTSRFARLQKLHTSIAGRNLYIRFQSRSGDAMGMNMISKGTEKALSKLHEYFPEM
QILAVSGNYCTDKKPAAINWIEGRGKSVVCEAVIPAKVVREVLKTTTEAMIEVNINKNLVGSAMAGSIGGYNAHAANIVT
AIYIACGQDAAQNVGSSNCITLMEASGPTNEDLYISCTMPSIEIGTVGGGTNLLPQQACLQMLGVQGACKDNPGENARQL
ARIVCGTVMAGELSLMAALAAGH
;
_entity_poly.pdbx_strand_id   A
#
# COMPACT_ATOMS: atom_id res chain seq x y z
N PRO A 1 -18.09 18.61 -42.18
CA PRO A 1 -17.76 19.45 -40.99
C PRO A 1 -19.03 20.08 -40.42
N ARG A 2 -18.82 21.09 -39.56
CA ARG A 2 -19.89 21.91 -39.00
C ARG A 2 -19.25 23.02 -38.18
N GLU A 3 -20.05 23.71 -37.36
CA GLU A 3 -19.56 24.84 -36.59
C GLU A 3 -20.32 24.95 -35.28
N PRO A 4 -19.75 25.64 -34.26
CA PRO A 4 -20.32 25.65 -32.91
C PRO A 4 -21.54 26.56 -32.70
N ARG A 5 -22.61 25.98 -32.14
CA ARG A 5 -23.79 26.75 -31.80
C ARG A 5 -23.49 27.65 -30.61
N PRO A 6 -24.18 28.81 -30.46
CA PRO A 6 -23.98 29.68 -29.30
C PRO A 6 -24.22 28.97 -27.98
N ASN A 7 -23.76 29.60 -26.89
CA ASN A 7 -23.80 29.00 -25.55
C ASN A 7 -25.22 28.76 -25.05
N GLU A 8 -26.01 29.83 -24.93
CA GLU A 8 -27.36 29.74 -24.39
C GLU A 8 -28.11 28.61 -25.08
N GLU A 9 -28.02 28.58 -26.42
CA GLU A 9 -28.57 27.48 -27.20
C GLU A 9 -28.05 26.13 -26.69
N CYS A 10 -26.72 25.98 -26.61
CA CYS A 10 -26.10 24.71 -26.31
C CYS A 10 -26.46 24.23 -24.90
N LEU A 11 -26.56 25.19 -23.97
CA LEU A 11 -26.88 24.89 -22.58
C LEU A 11 -28.27 24.27 -22.44
N GLN A 12 -29.10 24.37 -23.49
CA GLN A 12 -30.46 23.86 -23.47
C GLN A 12 -30.49 22.40 -23.91
N ILE A 13 -29.83 22.06 -25.02
CA ILE A 13 -29.74 20.66 -25.42
C ILE A 13 -29.27 19.85 -24.21
N LEU A 14 -28.20 20.31 -23.56
CA LEU A 14 -27.65 19.67 -22.38
C LEU A 14 -28.77 19.32 -21.40
N GLY A 15 -29.75 20.24 -21.25
CA GLY A 15 -30.87 20.08 -20.33
C GLY A 15 -31.97 19.14 -20.84
N ASN A 16 -32.34 19.22 -22.13
CA ASN A 16 -33.32 18.30 -22.69
C ASN A 16 -32.95 16.87 -22.34
N ALA A 17 -33.84 16.17 -21.62
CA ALA A 17 -33.53 14.85 -21.10
C ALA A 17 -33.84 13.76 -22.13
N GLU A 18 -34.34 14.16 -23.30
CA GLU A 18 -34.52 13.22 -24.41
C GLU A 18 -33.51 13.55 -25.51
N LYS A 19 -32.90 14.73 -25.41
CA LYS A 19 -31.91 15.20 -26.36
C LYS A 19 -30.79 15.91 -25.61
N GLY A 20 -29.86 15.17 -24.99
CA GLY A 20 -28.84 15.76 -24.13
C GLY A 20 -27.47 15.80 -24.82
N ALA A 21 -26.38 15.74 -24.02
CA ALA A 21 -25.05 15.57 -24.60
C ALA A 21 -25.08 14.34 -25.50
N LYS A 22 -24.39 14.42 -26.64
CA LYS A 22 -24.44 13.46 -27.72
C LYS A 22 -25.07 14.14 -28.94
N PHE A 23 -25.87 15.19 -28.69
CA PHE A 23 -26.34 16.04 -29.76
C PHE A 23 -25.43 17.26 -29.87
N LEU A 24 -24.56 17.41 -28.87
CA LEU A 24 -23.57 18.48 -28.88
C LEU A 24 -22.24 17.92 -29.38
N SER A 25 -21.46 18.78 -30.05
CA SER A 25 -20.16 18.38 -30.57
C SER A 25 -19.10 18.59 -29.47
N ASP A 26 -17.89 18.08 -29.72
CA ASP A 26 -16.79 18.36 -28.80
C ASP A 26 -16.56 19.87 -28.72
N ALA A 27 -16.71 20.59 -29.84
CA ALA A 27 -16.46 22.03 -29.81
C ALA A 27 -17.52 22.74 -28.96
N GLU A 28 -18.78 22.26 -29.05
CA GLU A 28 -19.88 22.89 -28.34
C GLU A 28 -19.70 22.67 -26.83
N ILE A 29 -19.32 21.45 -26.44
CA ILE A 29 -19.06 21.15 -25.04
C ILE A 29 -17.88 22.00 -24.56
N ILE A 30 -16.85 22.14 -25.39
CA ILE A 30 -15.68 22.95 -25.05
C ILE A 30 -16.13 24.38 -24.77
N GLN A 31 -16.99 24.92 -25.64
CA GLN A 31 -17.48 26.28 -25.51
C GLN A 31 -18.22 26.42 -24.17
N LEU A 32 -19.05 25.42 -23.85
CA LEU A 32 -19.86 25.48 -22.64
C LEU A 32 -18.98 25.46 -21.40
N VAL A 33 -17.93 24.63 -21.46
CA VAL A 33 -17.03 24.53 -20.33
C VAL A 33 -16.27 25.84 -20.15
N ASN A 34 -15.79 26.42 -21.26
CA ASN A 34 -15.02 27.65 -21.19
C ASN A 34 -15.86 28.83 -20.71
N ALA A 35 -17.18 28.79 -20.89
CA ALA A 35 -17.98 29.89 -20.38
C ALA A 35 -18.24 29.71 -18.88
N LYS A 36 -17.69 28.62 -18.31
CA LYS A 36 -17.83 28.31 -16.89
C LYS A 36 -19.26 27.89 -16.58
N HIS A 37 -19.98 27.40 -17.59
CA HIS A 37 -21.30 26.85 -17.36
C HIS A 37 -21.14 25.45 -16.78
N ILE A 38 -20.51 24.55 -17.55
CA ILE A 38 -20.25 23.19 -17.10
C ILE A 38 -19.03 23.19 -16.17
N PRO A 39 -19.06 22.50 -15.01
CA PRO A 39 -17.85 22.32 -14.23
C PRO A 39 -17.06 21.13 -14.78
N ALA A 40 -15.84 21.38 -15.24
CA ALA A 40 -15.07 20.35 -15.93
C ALA A 40 -14.97 19.07 -15.09
N TYR A 41 -14.98 19.19 -13.76
CA TYR A 41 -14.83 18.02 -12.91
C TYR A 41 -16.05 17.10 -13.02
N LYS A 42 -17.17 17.60 -13.57
CA LYS A 42 -18.39 16.82 -13.66
C LYS A 42 -18.55 16.20 -15.06
N LEU A 43 -17.49 16.25 -15.87
CA LEU A 43 -17.56 15.86 -17.27
C LEU A 43 -17.99 14.40 -17.43
N GLU A 44 -17.42 13.51 -16.60
CA GLU A 44 -17.69 12.09 -16.74
C GLU A 44 -19.14 11.78 -16.37
N THR A 45 -19.73 12.61 -15.50
CA THR A 45 -21.15 12.49 -15.15
C THR A 45 -21.97 13.26 -16.17
N LEU A 46 -21.56 14.48 -16.51
CA LEU A 46 -22.29 15.37 -17.40
C LEU A 46 -22.36 14.83 -18.83
N MET A 47 -21.32 14.14 -19.29
CA MET A 47 -21.26 13.68 -20.67
C MET A 47 -22.15 12.44 -20.82
N GLU A 48 -22.27 11.97 -22.06
CA GLU A 48 -23.12 10.83 -22.36
C GLU A 48 -22.49 9.58 -21.76
N THR A 49 -21.29 9.26 -22.25
CA THR A 49 -20.52 8.17 -21.66
C THR A 49 -19.38 8.78 -20.89
N HIS A 50 -18.82 8.00 -19.95
CA HIS A 50 -17.71 8.46 -19.15
C HIS A 50 -16.48 8.69 -20.02
N GLU A 51 -16.27 7.79 -20.98
CA GLU A 51 -15.14 7.88 -21.89
C GLU A 51 -15.15 9.24 -22.58
N ARG A 52 -16.32 9.72 -23.00
CA ARG A 52 -16.36 10.99 -23.68
C ARG A 52 -15.89 12.06 -22.71
N GLY A 53 -16.44 12.02 -21.50
CA GLY A 53 -16.08 13.00 -20.50
C GLY A 53 -14.56 13.17 -20.38
N VAL A 54 -13.84 12.05 -20.30
CA VAL A 54 -12.40 12.11 -20.19
C VAL A 54 -11.81 12.60 -21.52
N SER A 55 -12.46 12.28 -22.64
CA SER A 55 -12.05 12.82 -23.93
C SER A 55 -12.12 14.35 -23.92
N ILE A 56 -13.23 14.90 -23.43
CA ILE A 56 -13.41 16.34 -23.38
C ILE A 56 -12.32 16.95 -22.51
N ARG A 57 -12.08 16.33 -21.35
CA ARG A 57 -11.07 16.83 -20.43
C ARG A 57 -9.70 16.84 -21.10
N ARG A 58 -9.40 15.78 -21.87
CA ARG A 58 -8.14 15.69 -22.58
C ARG A 58 -8.00 16.81 -23.60
N GLN A 59 -9.07 17.11 -24.36
CA GLN A 59 -9.02 18.16 -25.37
C GLN A 59 -8.76 19.50 -24.69
N LEU A 60 -9.48 19.77 -23.60
CA LEU A 60 -9.31 21.02 -22.88
C LEU A 60 -7.86 21.15 -22.42
N LEU A 61 -7.32 20.08 -21.84
CA LEU A 61 -5.95 20.09 -21.36
C LEU A 61 -4.98 20.32 -22.51
N SER A 62 -5.19 19.64 -23.63
CA SER A 62 -4.31 19.77 -24.78
C SER A 62 -4.22 21.23 -25.23
N LYS A 63 -5.33 21.95 -25.19
CA LYS A 63 -5.34 23.32 -25.67
C LYS A 63 -4.34 24.16 -24.87
N LYS A 64 -4.13 23.81 -23.60
CA LYS A 64 -3.31 24.62 -22.70
C LYS A 64 -1.85 24.17 -22.65
N LEU A 65 -1.47 23.13 -23.41
CA LEU A 65 -0.11 22.63 -23.38
C LEU A 65 0.73 23.35 -24.44
N SER A 66 2.04 23.43 -24.18
CA SER A 66 2.97 24.05 -25.11
C SER A 66 3.16 23.15 -26.33
N GLU A 67 2.97 21.84 -26.13
CA GLU A 67 2.98 20.89 -27.25
C GLU A 67 1.61 20.20 -27.27
N PRO A 68 0.64 20.70 -28.06
CA PRO A 68 -0.71 20.16 -28.07
C PRO A 68 -0.82 18.64 -28.27
N SER A 69 0.21 18.02 -28.86
CA SER A 69 0.16 16.62 -29.20
C SER A 69 0.73 15.72 -28.09
N SER A 70 0.92 16.27 -26.88
CA SER A 70 1.60 15.54 -25.81
C SER A 70 0.83 14.29 -25.39
N LEU A 71 -0.51 14.38 -25.34
CA LEU A 71 -1.33 13.29 -24.85
C LEU A 71 -1.53 12.19 -25.89
N GLN A 72 -0.91 12.27 -27.07
CA GLN A 72 -1.26 11.36 -28.16
C GLN A 72 -1.15 9.91 -27.71
N TYR A 73 -0.05 9.58 -27.03
CA TYR A 73 0.25 8.20 -26.67
C TYR A 73 -0.10 7.90 -25.21
N LEU A 74 -0.82 8.79 -24.54
CA LEU A 74 -1.44 8.45 -23.27
C LEU A 74 -2.78 7.76 -23.52
N PRO A 75 -2.94 6.45 -23.27
CA PRO A 75 -4.16 5.75 -23.63
C PRO A 75 -5.32 6.12 -22.71
N TYR A 76 -6.53 6.22 -23.25
CA TYR A 76 -7.69 6.49 -22.40
C TYR A 76 -8.93 5.70 -22.80
N ARG A 77 -8.95 5.05 -23.98
CA ARG A 77 -10.16 4.45 -24.48
C ARG A 77 -10.29 2.99 -24.04
N ASP A 78 -11.54 2.50 -24.00
CA ASP A 78 -11.85 1.11 -23.70
C ASP A 78 -11.40 0.76 -22.29
N TYR A 79 -11.57 1.71 -21.37
CA TYR A 79 -11.22 1.53 -19.97
C TYR A 79 -12.45 1.84 -19.13
N ASN A 80 -12.65 1.07 -18.06
CA ASN A 80 -13.84 1.23 -17.25
C ASN A 80 -13.61 2.34 -16.24
N TYR A 81 -14.14 3.53 -16.54
CA TYR A 81 -13.99 4.68 -15.66
C TYR A 81 -15.05 4.71 -14.58
N SER A 82 -16.13 3.92 -14.72
CA SER A 82 -17.21 3.94 -13.74
C SER A 82 -16.68 3.61 -12.35
N LEU A 83 -15.70 2.71 -12.28
CA LEU A 83 -15.16 2.26 -11.00
C LEU A 83 -14.18 3.26 -10.42
N VAL A 84 -13.69 4.21 -11.23
CA VAL A 84 -12.67 5.14 -10.78
C VAL A 84 -13.30 6.44 -10.28
N MET A 85 -14.42 6.85 -10.92
CA MET A 85 -15.08 8.08 -10.55
C MET A 85 -15.52 8.05 -9.09
N GLY A 86 -15.24 9.15 -8.38
CA GLY A 86 -15.68 9.32 -7.01
C GLY A 86 -15.10 8.28 -6.06
N ALA A 87 -14.08 7.53 -6.53
CA ALA A 87 -13.48 6.51 -5.69
C ALA A 87 -11.96 6.59 -5.68
N CYS A 88 -11.34 6.76 -6.86
CA CYS A 88 -9.93 6.43 -7.02
C CYS A 88 -9.10 7.57 -7.59
N CYS A 89 -9.69 8.40 -8.46
CA CYS A 89 -8.92 9.48 -9.06
C CYS A 89 -9.88 10.58 -9.51
N GLU A 90 -9.32 11.79 -9.64
CA GLU A 90 -10.07 12.95 -10.09
C GLU A 90 -9.33 13.61 -11.25
N ASN A 91 -10.09 14.39 -12.05
CA ASN A 91 -9.57 15.03 -13.25
C ASN A 91 -8.85 14.02 -14.12
N VAL A 92 -9.51 12.90 -14.40
CA VAL A 92 -8.88 11.81 -15.11
C VAL A 92 -8.72 12.17 -16.59
N ILE A 93 -7.54 11.86 -17.12
CA ILE A 93 -7.24 12.14 -18.52
C ILE A 93 -6.70 10.88 -19.19
N GLY A 94 -6.82 9.74 -18.52
CA GLY A 94 -6.43 8.47 -19.11
C GLY A 94 -5.82 7.58 -18.04
N TYR A 95 -5.00 6.62 -18.47
CA TYR A 95 -4.40 5.69 -17.55
C TYR A 95 -2.96 5.42 -17.99
N MET A 96 -2.14 5.02 -17.03
CA MET A 96 -0.74 4.75 -17.28
C MET A 96 -0.52 3.24 -17.24
N PRO A 97 -0.20 2.58 -18.37
CA PRO A 97 0.03 1.15 -18.36
C PRO A 97 1.37 0.81 -17.71
N ILE A 98 1.35 -0.09 -16.72
CA ILE A 98 2.57 -0.59 -16.12
C ILE A 98 2.72 -2.06 -16.47
N PRO A 99 3.79 -2.48 -17.19
CA PRO A 99 3.93 -3.88 -17.58
C PRO A 99 3.87 -4.79 -16.37
N VAL A 100 3.23 -5.95 -16.52
CA VAL A 100 3.11 -6.90 -15.43
C VAL A 100 3.79 -8.20 -15.82
N GLY A 101 4.80 -8.57 -15.04
CA GLY A 101 5.48 -9.84 -15.20
C GLY A 101 5.06 -10.76 -14.06
N VAL A 102 5.49 -12.02 -14.13
CA VAL A 102 5.08 -13.00 -13.15
C VAL A 102 6.33 -13.72 -12.65
N ALA A 103 6.52 -13.70 -11.33
CA ALA A 103 7.60 -14.45 -10.71
C ALA A 103 7.02 -15.66 -9.97
N GLY A 104 7.62 -16.83 -10.19
CA GLY A 104 7.15 -18.02 -9.52
C GLY A 104 7.41 -19.28 -10.33
N PRO A 105 6.95 -20.45 -9.86
CA PRO A 105 6.16 -20.56 -8.64
C PRO A 105 6.95 -20.29 -7.35
N LEU A 106 6.36 -19.51 -6.43
CA LEU A 106 6.93 -19.32 -5.11
C LEU A 106 6.35 -20.37 -4.17
N CYS A 107 7.21 -21.25 -3.65
CA CYS A 107 6.77 -22.34 -2.80
C CYS A 107 6.77 -21.85 -1.37
N LEU A 108 5.58 -21.53 -0.85
CA LEU A 108 5.46 -20.87 0.43
C LEU A 108 4.40 -21.59 1.26
N ASP A 109 4.79 -22.01 2.47
CA ASP A 109 3.90 -22.68 3.41
C ASP A 109 3.13 -23.81 2.73
N GLU A 110 3.85 -24.61 1.94
CA GLU A 110 3.34 -25.83 1.32
C GLU A 110 2.37 -25.55 0.17
N LYS A 111 2.27 -24.28 -0.26
CA LYS A 111 1.48 -23.92 -1.43
C LYS A 111 2.38 -23.30 -2.48
N GLU A 112 1.84 -23.11 -3.68
CA GLU A 112 2.58 -22.48 -4.76
C GLU A 112 1.81 -21.23 -5.18
N PHE A 113 2.55 -20.13 -5.35
CA PHE A 113 1.96 -18.90 -5.80
C PHE A 113 2.64 -18.42 -7.07
N GLN A 114 1.88 -17.69 -7.88
CA GLN A 114 2.39 -17.01 -9.06
C GLN A 114 2.22 -15.53 -8.79
N VAL A 115 3.34 -14.83 -8.55
CA VAL A 115 3.28 -13.49 -7.99
C VAL A 115 3.38 -12.47 -9.11
N PRO A 116 2.35 -11.63 -9.35
CA PRO A 116 2.44 -10.59 -10.35
C PRO A 116 3.25 -9.40 -9.87
N MET A 117 4.12 -8.88 -10.73
CA MET A 117 4.96 -7.76 -10.39
C MET A 117 4.88 -6.73 -11.51
N ALA A 118 4.37 -5.56 -11.17
CA ALA A 118 4.23 -4.46 -12.11
C ALA A 118 5.45 -3.56 -11.99
N THR A 119 6.34 -3.61 -12.98
CA THR A 119 7.58 -2.86 -12.90
C THR A 119 8.02 -2.40 -14.28
N THR A 120 8.79 -1.32 -14.31
CA THR A 120 9.51 -0.89 -15.51
C THR A 120 11.02 -1.06 -15.31
N GLU A 121 11.42 -1.77 -14.27
CA GLU A 121 12.83 -1.99 -14.00
C GLU A 121 13.25 -3.33 -14.59
N GLY A 122 14.13 -3.27 -15.60
CA GLY A 122 14.59 -4.47 -16.28
C GLY A 122 15.31 -5.43 -15.34
N CYS A 123 15.03 -6.71 -15.50
CA CYS A 123 15.74 -7.79 -14.83
C CYS A 123 15.20 -8.05 -13.42
N LEU A 124 14.31 -7.20 -12.90
CA LEU A 124 13.80 -7.40 -11.55
C LEU A 124 13.00 -8.70 -11.45
N VAL A 125 12.12 -8.95 -12.42
CA VAL A 125 11.29 -10.14 -12.40
C VAL A 125 12.16 -11.38 -12.55
N ALA A 126 13.14 -11.33 -13.46
CA ALA A 126 13.98 -12.49 -13.72
C ALA A 126 14.77 -12.84 -12.46
N SER A 127 15.29 -11.82 -11.77
CA SER A 127 16.07 -12.04 -10.56
C SER A 127 15.19 -12.65 -9.47
N THR A 128 13.99 -12.09 -9.29
CA THR A 128 13.05 -12.66 -8.34
C THR A 128 12.72 -14.11 -8.70
N ASN A 129 12.58 -14.41 -10.00
CA ASN A 129 12.30 -15.75 -10.46
C ASN A 129 13.43 -16.70 -10.05
N ARG A 130 14.67 -16.27 -10.21
CA ARG A 130 15.78 -17.13 -9.87
C ARG A 130 15.76 -17.41 -8.37
N GLY A 131 15.47 -16.39 -7.58
CA GLY A 131 15.34 -16.58 -6.15
C GLY A 131 14.23 -17.58 -5.81
N CYS A 132 13.08 -17.45 -6.46
CA CYS A 132 11.97 -18.38 -6.27
C CYS A 132 12.40 -19.81 -6.60
N ARG A 133 13.16 -19.98 -7.69
CA ARG A 133 13.59 -21.30 -8.09
C ARG A 133 14.50 -21.90 -7.02
N ALA A 134 15.43 -21.09 -6.51
CA ALA A 134 16.36 -21.57 -5.49
C ALA A 134 15.59 -22.01 -4.25
N ILE A 135 14.64 -21.18 -3.81
CA ILE A 135 13.83 -21.52 -2.66
C ILE A 135 13.04 -22.80 -2.90
N GLY A 136 12.46 -22.94 -4.09
CA GLY A 136 11.68 -24.12 -4.43
C GLY A 136 12.53 -25.39 -4.35
N LEU A 137 13.75 -25.33 -4.89
CA LEU A 137 14.65 -26.48 -4.87
C LEU A 137 15.10 -26.74 -3.44
N GLY A 138 15.00 -25.71 -2.59
CA GLY A 138 15.42 -25.82 -1.21
C GLY A 138 14.37 -26.44 -0.29
N GLY A 139 13.20 -26.80 -0.82
CA GLY A 139 12.15 -27.39 -0.01
C GLY A 139 11.12 -26.37 0.49
N GLY A 140 11.10 -25.20 -0.14
CA GLY A 140 10.04 -24.23 0.10
C GLY A 140 10.34 -23.34 1.30
N ALA A 141 9.59 -22.26 1.40
CA ALA A 141 9.74 -21.30 2.47
C ALA A 141 8.59 -21.45 3.46
N SER A 142 8.77 -20.81 4.62
CA SER A 142 7.80 -20.82 5.70
C SER A 142 7.66 -19.40 6.21
N SER A 143 6.44 -19.03 6.56
CA SER A 143 6.19 -17.68 7.02
C SER A 143 5.19 -17.71 8.17
N ARG A 144 5.20 -16.64 8.97
CA ARG A 144 4.26 -16.46 10.06
C ARG A 144 3.91 -15.00 10.18
N VAL A 145 2.64 -14.72 10.40
CA VAL A 145 2.22 -13.39 10.79
C VAL A 145 2.38 -13.27 12.30
N LEU A 146 3.12 -12.26 12.74
CA LEU A 146 3.50 -12.11 14.14
C LEU A 146 2.59 -11.12 14.85
N ALA A 147 2.16 -10.09 14.14
CA ALA A 147 1.26 -9.08 14.68
C ALA A 147 0.44 -8.52 13.54
N ASP A 148 -0.72 -7.97 13.87
CA ASP A 148 -1.63 -7.46 12.86
C ASP A 148 -2.47 -6.35 13.49
N GLY A 149 -2.28 -5.13 12.99
CA GLY A 149 -3.20 -4.05 13.27
C GLY A 149 -2.72 -2.76 12.62
N MET A 150 -3.64 -2.06 11.93
CA MET A 150 -3.36 -0.77 11.37
C MET A 150 -3.48 0.27 12.49
N THR A 151 -2.72 1.35 12.36
CA THR A 151 -2.67 2.32 13.44
C THR A 151 -2.97 3.71 12.92
N ARG A 152 -3.47 4.56 13.80
CA ARG A 152 -3.69 5.97 13.48
C ARG A 152 -3.17 6.74 14.69
N GLY A 153 -2.38 7.79 14.44
CA GLY A 153 -1.71 8.50 15.53
C GLY A 153 -2.15 9.95 15.63
N PRO A 154 -3.39 10.26 16.11
CA PRO A 154 -3.79 11.64 16.35
C PRO A 154 -2.94 12.34 17.40
N VAL A 155 -2.91 13.68 17.32
CA VAL A 155 -2.30 14.52 18.32
C VAL A 155 -3.35 15.46 18.87
N VAL A 156 -3.45 15.48 20.21
CA VAL A 156 -4.34 16.37 20.91
C VAL A 156 -3.52 17.27 21.82
N ARG A 157 -4.11 18.36 22.27
CA ARG A 157 -3.39 19.33 23.07
C ARG A 157 -4.22 19.71 24.29
N LEU A 158 -3.56 19.77 25.45
CA LEU A 158 -4.18 20.20 26.69
C LEU A 158 -3.64 21.56 27.10
N PRO A 159 -4.31 22.29 28.01
CA PRO A 159 -3.81 23.59 28.44
C PRO A 159 -2.40 23.53 29.03
N ARG A 160 -2.08 22.44 29.73
CA ARG A 160 -0.81 22.32 30.44
C ARG A 160 -0.31 20.89 30.29
N ALA A 161 1.01 20.71 30.42
CA ALA A 161 1.61 19.39 30.34
C ALA A 161 1.13 18.50 31.49
N CYS A 162 0.78 19.11 32.63
CA CYS A 162 0.21 18.38 33.74
C CYS A 162 -1.13 17.75 33.34
N ASP A 163 -1.95 18.50 32.60
CA ASP A 163 -3.21 17.99 32.10
C ASP A 163 -2.99 16.86 31.10
N SER A 164 -1.97 17.00 30.25
CA SER A 164 -1.63 15.94 29.31
C SER A 164 -1.26 14.67 30.06
N ALA A 165 -0.48 14.83 31.15
CA ALA A 165 -0.11 13.69 31.98
C ALA A 165 -1.36 13.05 32.57
N GLU A 166 -2.31 13.88 33.03
CA GLU A 166 -3.53 13.36 33.61
C GLU A 166 -4.29 12.52 32.58
N VAL A 167 -4.40 13.02 31.35
CA VAL A 167 -5.11 12.31 30.30
C VAL A 167 -4.41 10.99 29.99
N LYS A 168 -3.07 11.03 29.91
CA LYS A 168 -2.32 9.82 29.64
C LYS A 168 -2.56 8.78 30.73
N ALA A 169 -2.51 9.21 32.00
CA ALA A 169 -2.75 8.30 33.12
C ALA A 169 -4.15 7.70 33.03
N TRP A 170 -5.14 8.53 32.70
CA TRP A 170 -6.52 8.06 32.61
C TRP A 170 -6.67 7.05 31.48
N LEU A 171 -6.00 7.28 30.35
CA LEU A 171 -6.01 6.34 29.24
C LEU A 171 -5.34 5.03 29.64
N GLU A 172 -4.42 5.07 30.59
CA GLU A 172 -3.69 3.88 30.99
C GLU A 172 -4.46 2.99 31.97
N THR A 173 -5.53 3.51 32.58
CA THR A 173 -6.33 2.70 33.51
C THR A 173 -7.25 1.79 32.71
N SER A 174 -7.78 0.77 33.39
CA SER A 174 -8.64 -0.22 32.73
C SER A 174 -9.99 0.41 32.37
N GLU A 175 -10.48 1.32 33.22
CA GLU A 175 -11.80 1.90 33.03
C GLU A 175 -11.78 2.86 31.85
N GLY A 176 -10.77 3.75 31.81
CA GLY A 176 -10.63 4.69 30.72
C GLY A 176 -10.43 3.98 29.38
N PHE A 177 -9.56 2.97 29.38
CA PHE A 177 -9.34 2.19 28.17
C PHE A 177 -10.63 1.49 27.75
N ALA A 178 -11.42 1.01 28.72
CA ALA A 178 -12.67 0.34 28.39
C ALA A 178 -13.63 1.31 27.70
N VAL A 179 -13.75 2.53 28.22
CA VAL A 179 -14.65 3.51 27.67
C VAL A 179 -14.22 3.84 26.24
N ILE A 180 -12.93 4.09 26.05
CA ILE A 180 -12.39 4.44 24.75
C ILE A 180 -12.58 3.28 23.78
N LYS A 181 -12.34 2.05 24.25
CA LYS A 181 -12.49 0.88 23.41
C LYS A 181 -13.94 0.72 22.96
N GLU A 182 -14.90 0.95 23.86
CA GLU A 182 -16.31 0.84 23.50
C GLU A 182 -16.65 1.85 22.40
N ALA A 183 -16.27 3.11 22.62
CA ALA A 183 -16.55 4.16 21.67
C ALA A 183 -15.92 3.83 20.31
N PHE A 184 -14.69 3.36 20.32
CA PHE A 184 -13.97 3.06 19.09
C PHE A 184 -14.63 1.91 18.35
N ASP A 185 -14.99 0.87 19.10
CA ASP A 185 -15.51 -0.36 18.51
C ASP A 185 -16.94 -0.20 17.98
N SER A 186 -17.66 0.82 18.45
CA SER A 186 -19.04 1.00 18.03
C SER A 186 -19.16 1.41 16.56
N THR A 187 -18.04 1.78 15.90
CA THR A 187 -18.10 2.43 14.60
C THR A 187 -18.08 1.43 13.44
N SER A 188 -17.75 0.17 13.71
CA SER A 188 -17.67 -0.83 12.66
C SER A 188 -17.52 -2.22 13.28
N ARG A 189 -17.83 -3.25 12.50
CA ARG A 189 -17.83 -4.62 13.02
C ARG A 189 -16.41 -5.16 13.16
N PHE A 190 -15.44 -4.58 12.42
CA PHE A 190 -14.06 -5.04 12.51
C PHE A 190 -13.24 -4.17 13.47
N ALA A 191 -13.79 -3.04 13.94
CA ALA A 191 -13.07 -2.14 14.81
C ALA A 191 -12.96 -2.72 16.21
N ARG A 192 -11.81 -3.30 16.54
CA ARG A 192 -11.57 -3.90 17.84
C ARG A 192 -10.27 -3.33 18.42
N LEU A 193 -10.42 -2.26 19.21
CA LEU A 193 -9.29 -1.52 19.72
C LEU A 193 -8.36 -2.43 20.53
N GLN A 194 -7.07 -2.39 20.20
CA GLN A 194 -6.03 -3.05 20.98
C GLN A 194 -5.35 -2.01 21.87
N LYS A 195 -4.33 -2.44 22.61
CA LYS A 195 -3.72 -1.58 23.62
C LYS A 195 -3.22 -0.29 22.98
N LEU A 196 -3.43 0.82 23.69
CA LEU A 196 -3.04 2.14 23.23
C LEU A 196 -1.58 2.40 23.55
N HIS A 197 -0.97 3.26 22.74
CA HIS A 197 0.39 3.71 22.95
C HIS A 197 0.39 5.22 22.92
N THR A 198 0.81 5.84 24.03
CA THR A 198 0.78 7.28 24.16
C THR A 198 2.20 7.81 24.27
N SER A 199 2.35 9.06 23.88
CA SER A 199 3.62 9.77 24.03
C SER A 199 3.31 11.22 24.29
N ILE A 200 3.95 11.80 25.31
CA ILE A 200 3.74 13.18 25.63
C ILE A 200 4.91 13.98 25.08
N ALA A 201 4.63 15.20 24.61
CA ALA A 201 5.67 16.19 24.40
C ALA A 201 5.12 17.54 24.85
N GLY A 202 5.51 17.96 26.04
CA GLY A 202 4.90 19.13 26.64
C GLY A 202 3.42 18.90 26.80
N ARG A 203 2.61 19.84 26.32
CA ARG A 203 1.17 19.72 26.41
C ARG A 203 0.58 19.04 25.17
N ASN A 204 1.41 18.46 24.32
CA ASN A 204 0.91 17.64 23.22
C ASN A 204 0.86 16.20 23.66
N LEU A 205 -0.29 15.55 23.42
CA LEU A 205 -0.42 14.14 23.67
C LEU A 205 -0.67 13.42 22.34
N TYR A 206 0.20 12.47 22.02
CA TYR A 206 0.09 11.69 20.80
C TYR A 206 -0.45 10.32 21.18
N ILE A 207 -1.55 9.92 20.56
CA ILE A 207 -2.20 8.67 20.89
C ILE A 207 -2.22 7.81 19.63
N ARG A 208 -1.71 6.59 19.76
CA ARG A 208 -1.62 5.66 18.65
C ARG A 208 -2.68 4.57 18.84
N PHE A 209 -3.81 4.73 18.15
CA PHE A 209 -4.85 3.70 18.12
C PHE A 209 -4.41 2.61 17.15
N GLN A 210 -4.54 1.36 17.60
CA GLN A 210 -4.24 0.23 16.74
C GLN A 210 -5.41 -0.75 16.72
N SER A 211 -5.66 -1.37 15.57
CA SER A 211 -6.75 -2.33 15.45
C SER A 211 -6.65 -3.10 14.15
N ARG A 212 -7.14 -4.34 14.17
CA ARG A 212 -7.40 -5.09 12.95
C ARG A 212 -8.58 -4.48 12.21
N SER A 213 -8.66 -4.75 10.91
CA SER A 213 -9.63 -4.09 10.06
C SER A 213 -10.21 -5.04 9.02
N GLY A 214 -10.35 -6.33 9.37
CA GLY A 214 -10.85 -7.29 8.42
C GLY A 214 -9.82 -7.48 7.30
N ASP A 215 -10.28 -7.36 6.06
CA ASP A 215 -9.42 -7.54 4.91
C ASP A 215 -9.08 -6.20 4.27
N ALA A 216 -9.66 -5.10 4.75
CA ALA A 216 -9.34 -3.80 4.24
C ALA A 216 -7.99 -3.38 4.78
N MET A 217 -7.37 -2.40 4.12
CA MET A 217 -6.08 -1.90 4.58
C MET A 217 -6.29 -1.20 5.91
N GLY A 218 -7.39 -0.46 6.03
CA GLY A 218 -7.91 -0.10 7.35
C GLY A 218 -7.83 1.38 7.68
N MET A 219 -7.22 2.19 6.81
CA MET A 219 -6.99 3.58 7.14
C MET A 219 -8.32 4.30 7.40
N ASN A 220 -9.28 4.12 6.50
CA ASN A 220 -10.56 4.83 6.61
C ASN A 220 -11.27 4.40 7.90
N MET A 221 -11.32 3.10 8.12
CA MET A 221 -12.03 2.55 9.26
C MET A 221 -11.36 2.97 10.58
N ILE A 222 -10.04 2.89 10.62
CA ILE A 222 -9.31 3.27 11.82
C ILE A 222 -9.52 4.75 12.09
N SER A 223 -9.52 5.57 11.04
CA SER A 223 -9.72 7.01 11.21
C SER A 223 -11.10 7.30 11.79
N LYS A 224 -12.11 6.59 11.29
CA LYS A 224 -13.47 6.80 11.75
C LYS A 224 -13.57 6.45 13.24
N GLY A 225 -13.04 5.28 13.60
CA GLY A 225 -12.99 4.84 14.99
C GLY A 225 -12.25 5.84 15.88
N THR A 226 -11.12 6.34 15.39
CA THR A 226 -10.33 7.28 16.17
C THR A 226 -11.17 8.52 16.46
N GLU A 227 -11.88 9.02 15.45
CA GLU A 227 -12.67 10.24 15.59
C GLU A 227 -13.68 10.05 16.71
N LYS A 228 -14.39 8.92 16.65
CA LYS A 228 -15.41 8.63 17.62
C LYS A 228 -14.80 8.54 19.02
N ALA A 229 -13.65 7.85 19.13
CA ALA A 229 -12.96 7.71 20.39
C ALA A 229 -12.49 9.06 20.94
N LEU A 230 -12.05 9.95 20.04
CA LEU A 230 -11.58 11.26 20.48
C LEU A 230 -12.75 12.09 20.97
N SER A 231 -13.94 11.94 20.37
CA SER A 231 -15.12 12.65 20.86
C SER A 231 -15.42 12.18 22.28
N LYS A 232 -15.37 10.87 22.48
CA LYS A 232 -15.65 10.32 23.79
C LYS A 232 -14.64 10.85 24.81
N LEU A 233 -13.37 10.88 24.42
CA LEU A 233 -12.32 11.38 25.28
C LEU A 233 -12.58 12.85 25.62
N HIS A 234 -13.02 13.63 24.63
CA HIS A 234 -13.33 15.03 24.86
C HIS A 234 -14.43 15.18 25.92
N GLU A 235 -15.34 14.20 26.02
CA GLU A 235 -16.40 14.30 27.01
C GLU A 235 -15.82 14.36 28.42
N TYR A 236 -14.75 13.61 28.68
CA TYR A 236 -14.16 13.56 30.02
C TYR A 236 -13.21 14.74 30.27
N PHE A 237 -12.57 15.26 29.21
CA PHE A 237 -11.64 16.37 29.33
C PHE A 237 -12.06 17.48 28.39
N PRO A 238 -13.08 18.30 28.74
CA PRO A 238 -13.58 19.32 27.83
C PRO A 238 -12.54 20.34 27.38
N GLU A 239 -11.42 20.45 28.12
CA GLU A 239 -10.39 21.40 27.76
C GLU A 239 -9.50 20.87 26.64
N MET A 240 -9.60 19.58 26.33
CA MET A 240 -8.79 19.00 25.27
C MET A 240 -9.15 19.62 23.93
N GLN A 241 -8.10 19.91 23.14
CA GLN A 241 -8.23 20.38 21.78
C GLN A 241 -7.67 19.32 20.85
N ILE A 242 -8.49 18.83 19.93
CA ILE A 242 -8.00 17.88 18.94
C ILE A 242 -7.28 18.66 17.86
N LEU A 243 -5.95 18.55 17.84
CA LEU A 243 -5.12 19.37 16.97
C LEU A 243 -5.09 18.78 15.58
N ALA A 244 -4.83 17.47 15.46
CA ALA A 244 -4.88 16.81 14.17
C ALA A 244 -5.16 15.33 14.34
N VAL A 245 -6.08 14.80 13.52
CA VAL A 245 -6.43 13.38 13.58
C VAL A 245 -5.23 12.53 13.17
N SER A 246 -4.32 13.12 12.38
CA SER A 246 -3.05 12.47 12.08
C SER A 246 -1.91 13.37 12.56
N GLY A 247 -1.20 12.93 13.61
CA GLY A 247 -0.13 13.72 14.19
C GLY A 247 1.25 13.15 13.85
N ASN A 248 1.35 12.44 12.71
CA ASN A 248 2.58 11.80 12.27
C ASN A 248 3.05 10.77 13.29
N TYR A 249 2.13 10.29 14.14
CA TYR A 249 2.50 9.32 15.15
C TYR A 249 2.03 7.92 14.78
N CYS A 250 1.47 7.74 13.57
CA CYS A 250 0.89 6.46 13.16
C CYS A 250 1.98 5.38 13.01
N THR A 251 3.00 5.57 12.15
CA THR A 251 3.22 6.71 11.28
C THR A 251 2.92 6.25 9.84
N ASP A 252 2.18 7.09 9.11
CA ASP A 252 1.71 6.74 7.79
C ASP A 252 2.59 7.37 6.70
N LYS A 253 3.22 6.53 5.88
CA LYS A 253 3.91 6.94 4.66
C LYS A 253 5.08 7.88 4.94
N LYS A 254 5.75 7.66 6.06
CA LYS A 254 6.99 8.35 6.35
C LYS A 254 7.91 7.34 7.03
N PRO A 255 9.24 7.46 6.87
CA PRO A 255 10.17 6.65 7.64
C PRO A 255 10.10 7.06 9.11
N ALA A 256 9.84 6.09 9.98
CA ALA A 256 9.72 6.35 11.41
C ALA A 256 10.15 5.09 12.15
N ALA A 257 10.91 5.30 13.23
CA ALA A 257 11.35 4.22 14.08
C ALA A 257 10.16 3.52 14.74
N ILE A 258 9.05 4.24 14.95
CA ILE A 258 7.93 3.67 15.68
C ILE A 258 7.33 2.49 14.91
N ASN A 259 7.22 2.59 13.57
CA ASN A 259 6.72 1.49 12.78
C ASN A 259 7.68 0.30 12.90
N TRP A 260 8.98 0.57 12.89
CA TRP A 260 9.97 -0.49 12.96
C TRP A 260 9.89 -1.22 14.30
N ILE A 261 9.69 -0.47 15.38
CA ILE A 261 9.78 -1.02 16.73
C ILE A 261 8.46 -1.65 17.16
N GLU A 262 7.35 -0.96 16.94
CA GLU A 262 6.05 -1.43 17.39
C GLU A 262 5.31 -2.26 16.34
N GLY A 263 5.67 -2.09 15.06
CA GLY A 263 4.91 -2.67 13.97
C GLY A 263 3.77 -1.76 13.52
N ARG A 264 3.31 -1.99 12.28
CA ARG A 264 2.19 -1.27 11.70
C ARG A 264 1.64 -2.17 10.61
N GLY A 265 0.31 -2.37 10.58
CA GLY A 265 -0.24 -3.33 9.65
C GLY A 265 0.18 -4.71 10.10
N LYS A 266 0.80 -5.48 9.20
CA LYS A 266 1.16 -6.85 9.50
C LYS A 266 2.67 -6.97 9.66
N SER A 267 3.06 -7.73 10.68
CA SER A 267 4.45 -8.08 10.92
C SER A 267 4.65 -9.53 10.53
N VAL A 268 5.63 -9.78 9.66
CA VAL A 268 5.80 -11.09 9.07
C VAL A 268 7.26 -11.49 9.20
N VAL A 269 7.48 -12.79 9.32
CA VAL A 269 8.80 -13.37 9.19
C VAL A 269 8.71 -14.54 8.23
N CYS A 270 9.69 -14.65 7.33
CA CYS A 270 9.77 -15.76 6.39
C CYS A 270 11.17 -16.33 6.46
N GLU A 271 11.30 -17.62 6.20
CA GLU A 271 12.60 -18.25 6.25
C GLU A 271 12.64 -19.39 5.24
N ALA A 272 13.87 -19.77 4.88
CA ALA A 272 14.09 -20.93 4.05
C ALA A 272 15.51 -21.43 4.31
N VAL A 273 15.75 -22.67 3.89
CA VAL A 273 17.09 -23.24 3.89
C VAL A 273 17.40 -23.69 2.47
N ILE A 274 18.49 -23.15 1.91
CA ILE A 274 18.94 -23.49 0.58
C ILE A 274 20.08 -24.48 0.71
N PRO A 275 19.97 -25.72 0.17
CA PRO A 275 21.10 -26.64 0.15
C PRO A 275 22.33 -26.04 -0.52
N ALA A 276 23.51 -26.47 -0.08
CA ALA A 276 24.78 -26.00 -0.62
C ALA A 276 24.84 -26.20 -2.12
N LYS A 277 24.41 -27.36 -2.59
CA LYS A 277 24.49 -27.70 -4.01
C LYS A 277 23.65 -26.70 -4.81
N VAL A 278 22.47 -26.38 -4.28
CA VAL A 278 21.58 -25.45 -4.96
C VAL A 278 22.19 -24.05 -4.95
N VAL A 279 22.84 -23.68 -3.85
CA VAL A 279 23.51 -22.40 -3.80
C VAL A 279 24.62 -22.35 -4.86
N ARG A 280 25.31 -23.47 -5.09
CA ARG A 280 26.35 -23.52 -6.10
C ARG A 280 25.79 -23.41 -7.51
N GLU A 281 24.76 -24.19 -7.83
CA GLU A 281 24.36 -24.40 -9.21
C GLU A 281 23.37 -23.35 -9.69
N VAL A 282 22.44 -22.94 -8.82
CA VAL A 282 21.42 -22.00 -9.22
C VAL A 282 21.89 -20.57 -8.96
N LEU A 283 22.49 -20.33 -7.78
CA LEU A 283 22.88 -18.99 -7.39
C LEU A 283 24.33 -18.67 -7.78
N LYS A 284 25.10 -19.68 -8.21
CA LYS A 284 26.42 -19.46 -8.78
C LYS A 284 27.35 -18.83 -7.74
N THR A 285 27.24 -19.28 -6.48
CA THR A 285 28.08 -18.75 -5.42
C THR A 285 28.25 -19.83 -4.35
N THR A 286 28.68 -19.43 -3.15
CA THR A 286 28.80 -20.34 -2.02
C THR A 286 28.13 -19.71 -0.80
N THR A 287 27.83 -20.54 0.20
CA THR A 287 27.16 -20.09 1.39
C THR A 287 28.02 -19.09 2.16
N GLU A 288 29.33 -19.35 2.22
CA GLU A 288 30.24 -18.50 2.97
C GLU A 288 30.25 -17.09 2.39
N ALA A 289 30.35 -16.98 1.06
CA ALA A 289 30.35 -15.69 0.40
C ALA A 289 29.04 -14.96 0.66
N MET A 290 27.93 -15.71 0.61
CA MET A 290 26.62 -15.11 0.81
C MET A 290 26.53 -14.50 2.20
N ILE A 291 27.01 -15.23 3.21
CA ILE A 291 26.94 -14.75 4.57
C ILE A 291 27.86 -13.53 4.74
N GLU A 292 29.05 -13.57 4.15
CA GLU A 292 29.97 -12.47 4.24
C GLU A 292 29.33 -11.20 3.67
N VAL A 293 28.73 -11.33 2.49
CA VAL A 293 28.12 -10.17 1.85
C VAL A 293 26.93 -9.68 2.68
N ASN A 294 26.13 -10.61 3.19
CA ASN A 294 24.96 -10.22 3.97
C ASN A 294 25.41 -9.41 5.18
N ILE A 295 26.39 -9.90 5.93
CA ILE A 295 26.84 -9.19 7.11
C ILE A 295 27.38 -7.81 6.73
N ASN A 296 28.27 -7.75 5.74
CA ASN A 296 29.02 -6.54 5.49
C ASN A 296 28.26 -5.55 4.62
N LYS A 297 27.11 -5.93 4.06
CA LYS A 297 26.29 -5.01 3.27
C LYS A 297 24.99 -4.70 4.02
N ASN A 298 24.19 -5.72 4.37
CA ASN A 298 22.85 -5.48 4.87
C ASN A 298 22.88 -5.05 6.34
N LEU A 299 23.89 -5.50 7.09
CA LEU A 299 24.00 -5.13 8.50
C LEU A 299 24.97 -3.96 8.65
N VAL A 300 26.25 -4.16 8.31
CA VAL A 300 27.26 -3.15 8.61
C VAL A 300 27.09 -1.95 7.68
N GLY A 301 26.92 -2.18 6.39
CA GLY A 301 26.73 -1.08 5.45
C GLY A 301 25.53 -0.22 5.83
N SER A 302 24.42 -0.85 6.17
CA SER A 302 23.22 -0.12 6.57
C SER A 302 23.47 0.65 7.87
N ALA A 303 24.20 0.06 8.82
CA ALA A 303 24.53 0.73 10.06
C ALA A 303 25.38 1.97 9.80
N MET A 304 26.37 1.87 8.90
CA MET A 304 27.24 3.01 8.60
C MET A 304 26.46 4.11 7.89
N ALA A 305 25.42 3.74 7.12
CA ALA A 305 24.58 4.71 6.44
C ALA A 305 23.56 5.32 7.38
N GLY A 306 23.45 4.79 8.61
CA GLY A 306 22.51 5.34 9.58
C GLY A 306 21.08 5.00 9.20
N SER A 307 20.85 3.74 8.86
CA SER A 307 19.54 3.27 8.45
C SER A 307 18.72 2.82 9.66
N ILE A 308 17.44 3.22 9.68
CA ILE A 308 16.45 2.63 10.55
C ILE A 308 15.53 1.74 9.70
N GLY A 309 15.65 0.43 9.86
CA GLY A 309 14.73 -0.49 9.21
C GLY A 309 15.14 -0.83 7.77
N GLY A 310 16.29 -0.34 7.30
CA GLY A 310 16.73 -0.59 5.93
C GLY A 310 17.86 -1.62 5.86
N TYR A 311 17.73 -2.72 6.61
CA TYR A 311 18.79 -3.70 6.69
C TYR A 311 18.54 -4.82 5.69
N ASN A 312 18.44 -4.43 4.41
CA ASN A 312 18.13 -5.38 3.35
C ASN A 312 18.73 -4.86 2.05
N ALA A 313 18.70 -5.69 1.01
CA ALA A 313 19.26 -5.34 -0.28
C ALA A 313 18.28 -4.47 -1.08
N HIS A 314 17.10 -4.99 -1.45
CA HIS A 314 16.19 -4.22 -2.29
C HIS A 314 14.73 -4.61 -2.06
N ALA A 315 14.33 -4.79 -0.80
CA ALA A 315 12.96 -5.12 -0.50
C ALA A 315 11.97 -4.13 -1.12
N ALA A 316 12.34 -2.86 -1.23
CA ALA A 316 11.46 -1.85 -1.78
C ALA A 316 11.06 -2.14 -3.23
N ASN A 317 11.98 -2.71 -4.01
CA ASN A 317 11.71 -3.08 -5.40
C ASN A 317 10.53 -4.05 -5.46
N ILE A 318 10.63 -5.16 -4.72
CA ILE A 318 9.64 -6.21 -4.78
C ILE A 318 8.33 -5.68 -4.22
N VAL A 319 8.42 -4.97 -3.09
CA VAL A 319 7.23 -4.50 -2.43
C VAL A 319 6.47 -3.56 -3.37
N THR A 320 7.19 -2.63 -4.02
CA THR A 320 6.54 -1.68 -4.90
C THR A 320 5.89 -2.40 -6.08
N ALA A 321 6.62 -3.33 -6.69
CA ALA A 321 6.10 -4.04 -7.84
C ALA A 321 4.79 -4.76 -7.49
N ILE A 322 4.79 -5.52 -6.39
CA ILE A 322 3.61 -6.27 -5.98
C ILE A 322 2.48 -5.31 -5.64
N TYR A 323 2.80 -4.22 -4.93
CA TYR A 323 1.80 -3.27 -4.50
C TYR A 323 1.11 -2.64 -5.71
N ILE A 324 1.87 -2.25 -6.73
CA ILE A 324 1.27 -1.65 -7.91
C ILE A 324 0.42 -2.70 -8.64
N ALA A 325 0.92 -3.94 -8.71
CA ALA A 325 0.18 -4.98 -9.41
C ALA A 325 -1.16 -5.23 -8.73
N CYS A 326 -1.19 -5.22 -7.39
CA CYS A 326 -2.33 -5.71 -6.63
C CYS A 326 -3.20 -4.58 -6.09
N GLY A 327 -3.03 -3.36 -6.60
CA GLY A 327 -3.97 -2.29 -6.28
C GLY A 327 -3.74 -1.69 -4.90
N GLN A 328 -2.56 -1.93 -4.32
CA GLN A 328 -2.23 -1.34 -3.05
C GLN A 328 -1.83 0.11 -3.27
N ASP A 329 -1.90 0.88 -2.20
CA ASP A 329 -1.44 2.25 -2.24
C ASP A 329 0.09 2.24 -2.28
N ALA A 330 0.68 2.63 -3.42
CA ALA A 330 2.10 2.42 -3.65
C ALA A 330 2.97 3.29 -2.74
N ALA A 331 2.49 4.47 -2.36
CA ALA A 331 3.21 5.32 -1.42
C ALA A 331 3.54 4.55 -0.13
N GLN A 332 2.67 3.61 0.26
CA GLN A 332 2.83 2.91 1.53
C GLN A 332 4.08 2.05 1.51
N ASN A 333 4.67 1.84 0.34
CA ASN A 333 5.91 1.10 0.30
C ASN A 333 6.97 1.76 1.20
N VAL A 334 6.89 3.08 1.32
CA VAL A 334 7.78 3.81 2.20
C VAL A 334 7.87 3.09 3.55
N GLY A 335 6.72 2.83 4.17
CA GLY A 335 6.75 2.10 5.43
C GLY A 335 6.82 0.59 5.26
N SER A 336 6.27 0.05 4.17
CA SER A 336 6.07 -1.38 4.08
C SER A 336 7.35 -2.12 3.71
N SER A 337 8.35 -1.40 3.18
CA SER A 337 9.55 -2.05 2.72
C SER A 337 10.56 -2.28 3.86
N ASN A 338 10.26 -1.79 5.07
CA ASN A 338 11.12 -2.04 6.21
C ASN A 338 11.36 -3.53 6.34
N CYS A 339 12.63 -3.92 6.33
CA CYS A 339 12.95 -5.33 6.34
C CYS A 339 14.37 -5.52 6.84
N ILE A 340 14.58 -6.64 7.53
CA ILE A 340 15.92 -7.06 7.87
C ILE A 340 16.11 -8.46 7.33
N THR A 341 17.22 -8.63 6.60
CA THR A 341 17.55 -9.89 5.96
C THR A 341 18.74 -10.49 6.70
N LEU A 342 18.60 -11.74 7.14
CA LEU A 342 19.66 -12.42 7.85
C LEU A 342 19.99 -13.72 7.13
N MET A 343 21.28 -14.01 7.04
CA MET A 343 21.75 -15.25 6.46
C MET A 343 22.73 -15.91 7.41
N GLU A 344 22.64 -17.22 7.54
CA GLU A 344 23.54 -17.98 8.39
C GLU A 344 23.87 -19.31 7.72
N ALA A 345 24.91 -19.97 8.23
CA ALA A 345 25.22 -21.32 7.84
C ALA A 345 24.30 -22.28 8.58
N SER A 346 24.00 -23.41 7.97
CA SER A 346 23.10 -24.38 8.58
C SER A 346 23.36 -25.75 7.96
N GLY A 347 22.73 -26.76 8.57
CA GLY A 347 22.91 -28.14 8.14
C GLY A 347 23.93 -28.86 9.00
N PRO A 348 24.09 -30.19 8.83
CA PRO A 348 25.08 -30.95 9.61
C PRO A 348 26.53 -30.55 9.32
N THR A 349 26.76 -29.76 8.27
CA THR A 349 28.12 -29.40 7.86
C THR A 349 28.32 -27.89 7.80
N ASN A 350 27.30 -27.11 8.16
CA ASN A 350 27.37 -25.65 8.06
C ASN A 350 27.59 -25.22 6.61
N GLU A 351 27.09 -26.03 5.66
CA GLU A 351 27.29 -25.75 4.25
C GLU A 351 26.03 -25.15 3.61
N ASP A 352 24.86 -25.36 4.22
CA ASP A 352 23.61 -24.88 3.64
C ASP A 352 23.33 -23.46 4.10
N LEU A 353 22.55 -22.73 3.31
CA LEU A 353 22.30 -21.33 3.57
C LEU A 353 20.91 -21.16 4.19
N TYR A 354 20.88 -20.77 5.45
CA TYR A 354 19.63 -20.36 6.07
C TYR A 354 19.43 -18.88 5.81
N ILE A 355 18.22 -18.51 5.35
CA ILE A 355 17.90 -17.12 5.09
C ILE A 355 16.57 -16.83 5.76
N SER A 356 16.44 -15.61 6.25
CA SER A 356 15.19 -15.15 6.81
C SER A 356 15.03 -13.67 6.51
N CYS A 357 13.78 -13.29 6.26
CA CYS A 357 13.42 -11.90 6.11
C CYS A 357 12.39 -11.58 7.18
N THR A 358 12.55 -10.42 7.83
CA THR A 358 11.58 -9.96 8.81
C THR A 358 11.12 -8.58 8.41
N MET A 359 9.80 -8.44 8.28
CA MET A 359 9.18 -7.22 7.82
C MET A 359 8.09 -6.85 8.81
N PRO A 360 8.34 -5.93 9.75
CA PRO A 360 7.36 -5.66 10.80
C PRO A 360 6.22 -4.74 10.45
N SER A 361 6.23 -4.07 9.29
CA SER A 361 5.25 -3.03 9.01
C SER A 361 4.68 -3.15 7.61
N ILE A 362 4.22 -4.33 7.22
CA ILE A 362 3.58 -4.50 5.91
C ILE A 362 2.14 -3.96 5.98
N GLU A 363 1.91 -2.81 5.35
CA GLU A 363 0.60 -2.20 5.26
C GLU A 363 -0.07 -2.66 3.97
N ILE A 364 -1.16 -3.41 4.09
CA ILE A 364 -1.72 -4.10 2.94
C ILE A 364 -3.17 -4.48 3.21
N GLY A 365 -3.94 -4.57 2.12
CA GLY A 365 -5.35 -4.93 2.16
C GLY A 365 -5.77 -5.57 0.84
N THR A 366 -6.95 -6.21 0.84
CA THR A 366 -7.48 -6.83 -0.36
C THR A 366 -8.91 -6.37 -0.63
N VAL A 367 -9.33 -5.31 0.04
CA VAL A 367 -10.65 -4.72 -0.17
C VAL A 367 -10.48 -3.21 -0.08
N GLY A 368 -11.23 -2.49 -0.90
CA GLY A 368 -11.23 -1.05 -0.82
C GLY A 368 -10.07 -0.44 -1.59
N GLY A 369 -10.20 0.85 -1.89
CA GLY A 369 -9.20 1.57 -2.66
C GLY A 369 -8.96 0.93 -4.02
N GLY A 370 -7.67 0.89 -4.40
CA GLY A 370 -7.25 0.39 -5.68
C GLY A 370 -7.68 -1.05 -5.93
N THR A 371 -7.98 -1.83 -4.89
CA THR A 371 -8.40 -3.22 -5.06
C THR A 371 -9.83 -3.32 -5.57
N ASN A 372 -10.51 -2.19 -5.81
CA ASN A 372 -11.87 -2.22 -6.35
C ASN A 372 -11.89 -2.25 -7.89
N LEU A 373 -10.72 -2.14 -8.53
CA LEU A 373 -10.65 -2.10 -9.99
C LEU A 373 -10.34 -3.50 -10.51
N LEU A 374 -10.95 -3.84 -11.65
CA LEU A 374 -10.93 -5.20 -12.14
C LEU A 374 -9.50 -5.62 -12.44
N PRO A 375 -8.67 -4.80 -13.12
CA PRO A 375 -7.31 -5.24 -13.44
C PRO A 375 -6.50 -5.60 -12.21
N GLN A 376 -6.59 -4.79 -11.16
CA GLN A 376 -5.90 -5.11 -9.92
C GLN A 376 -6.50 -6.32 -9.21
N GLN A 377 -7.83 -6.47 -9.32
CA GLN A 377 -8.50 -7.65 -8.79
C GLN A 377 -8.01 -8.91 -9.47
N ALA A 378 -7.62 -8.83 -10.75
CA ALA A 378 -7.13 -9.99 -11.47
C ALA A 378 -5.84 -10.48 -10.83
N CYS A 379 -4.96 -9.54 -10.52
CA CYS A 379 -3.69 -9.89 -9.91
C CYS A 379 -3.90 -10.44 -8.50
N LEU A 380 -4.85 -9.86 -7.75
CA LEU A 380 -5.22 -10.45 -6.47
C LEU A 380 -5.79 -11.85 -6.65
N GLN A 381 -6.59 -12.08 -7.69
CA GLN A 381 -7.23 -13.37 -7.91
C GLN A 381 -6.21 -14.44 -8.23
N MET A 382 -5.19 -14.13 -9.03
CA MET A 382 -4.24 -15.17 -9.42
C MET A 382 -3.43 -15.62 -8.22
N LEU A 383 -3.46 -14.86 -7.13
CA LEU A 383 -2.85 -15.25 -5.87
C LEU A 383 -3.83 -15.99 -4.96
N GLY A 384 -5.14 -15.86 -5.20
CA GLY A 384 -6.15 -16.55 -4.42
C GLY A 384 -6.56 -15.78 -3.16
N VAL A 385 -6.35 -14.46 -3.16
CA VAL A 385 -6.60 -13.67 -1.97
C VAL A 385 -7.51 -12.49 -2.29
N GLN A 386 -8.22 -12.52 -3.41
CA GLN A 386 -9.04 -11.38 -3.80
C GLN A 386 -10.23 -11.24 -2.85
N GLY A 387 -10.49 -10.00 -2.44
CA GLY A 387 -11.71 -9.65 -1.72
C GLY A 387 -11.68 -10.12 -0.27
N ALA A 388 -12.85 -10.02 0.37
CA ALA A 388 -13.02 -10.43 1.75
C ALA A 388 -13.16 -11.95 1.83
N CYS A 389 -12.59 -12.51 2.90
CA CYS A 389 -12.71 -13.93 3.20
C CYS A 389 -13.82 -14.08 4.25
N LYS A 390 -15.00 -14.54 3.83
CA LYS A 390 -16.18 -14.49 4.67
C LYS A 390 -16.00 -15.34 5.93
N ASP A 391 -15.39 -16.52 5.78
CA ASP A 391 -15.26 -17.45 6.88
C ASP A 391 -14.38 -16.87 7.98
N ASN A 392 -13.18 -16.40 7.58
CA ASN A 392 -12.14 -16.04 8.53
C ASN A 392 -11.65 -14.62 8.24
N PRO A 393 -12.38 -13.57 8.67
CA PRO A 393 -12.06 -12.21 8.24
C PRO A 393 -10.61 -11.83 8.45
N GLY A 394 -10.03 -11.18 7.43
CA GLY A 394 -8.63 -10.77 7.49
C GLY A 394 -7.66 -11.83 6.99
N GLU A 395 -8.14 -13.04 6.69
CA GLU A 395 -7.25 -14.11 6.28
C GLU A 395 -6.58 -13.79 4.94
N ASN A 396 -7.31 -13.18 4.01
CA ASN A 396 -6.77 -12.89 2.70
C ASN A 396 -5.66 -11.85 2.79
N ALA A 397 -5.89 -10.81 3.60
CA ALA A 397 -4.87 -9.80 3.77
C ALA A 397 -3.61 -10.39 4.41
N ARG A 398 -3.79 -11.29 5.39
CA ARG A 398 -2.65 -11.94 6.02
C ARG A 398 -1.89 -12.79 5.02
N GLN A 399 -2.62 -13.53 4.17
CA GLN A 399 -1.98 -14.37 3.19
C GLN A 399 -1.18 -13.50 2.23
N LEU A 400 -1.74 -12.36 1.82
CA LEU A 400 -1.06 -11.49 0.89
C LEU A 400 0.22 -10.95 1.53
N ALA A 401 0.16 -10.61 2.83
CA ALA A 401 1.35 -10.16 3.54
C ALA A 401 2.42 -11.25 3.58
N ARG A 402 2.02 -12.49 3.82
CA ARG A 402 2.96 -13.60 3.80
C ARG A 402 3.62 -13.74 2.42
N ILE A 403 2.83 -13.61 1.36
CA ILE A 403 3.35 -13.75 0.00
C ILE A 403 4.34 -12.62 -0.24
N VAL A 404 4.02 -11.42 0.23
CA VAL A 404 4.90 -10.28 0.00
C VAL A 404 6.25 -10.54 0.68
N CYS A 405 6.21 -11.03 1.92
CA CYS A 405 7.44 -11.31 2.64
C CYS A 405 8.25 -12.42 1.96
N GLY A 406 7.57 -13.48 1.51
CA GLY A 406 8.25 -14.56 0.80
C GLY A 406 8.90 -14.08 -0.51
N THR A 407 8.20 -13.25 -1.28
CA THR A 407 8.73 -12.76 -2.53
C THR A 407 9.92 -11.86 -2.25
N VAL A 408 9.82 -11.02 -1.23
CA VAL A 408 10.93 -10.16 -0.85
C VAL A 408 12.14 -11.04 -0.53
N MET A 409 11.91 -12.14 0.17
CA MET A 409 13.00 -13.03 0.54
C MET A 409 13.64 -13.65 -0.71
N ALA A 410 12.84 -14.09 -1.69
CA ALA A 410 13.38 -14.62 -2.93
C ALA A 410 14.23 -13.57 -3.65
N GLY A 411 13.73 -12.34 -3.72
CA GLY A 411 14.45 -11.26 -4.36
C GLY A 411 15.78 -11.00 -3.67
N GLU A 412 15.76 -11.00 -2.33
CA GLU A 412 16.98 -10.81 -1.55
C GLU A 412 17.99 -11.91 -1.85
N LEU A 413 17.52 -13.15 -1.88
CA LEU A 413 18.38 -14.28 -2.16
C LEU A 413 19.08 -14.07 -3.50
N SER A 414 18.31 -13.75 -4.54
CA SER A 414 18.86 -13.64 -5.88
C SER A 414 19.86 -12.48 -5.97
N LEU A 415 19.46 -11.29 -5.49
CA LEU A 415 20.29 -10.11 -5.65
C LEU A 415 21.59 -10.29 -4.86
N MET A 416 21.49 -10.88 -3.66
CA MET A 416 22.66 -11.07 -2.83
C MET A 416 23.61 -12.08 -3.48
N ALA A 417 23.08 -13.11 -4.10
CA ALA A 417 23.91 -14.05 -4.85
C ALA A 417 24.63 -13.34 -5.99
N ALA A 418 23.90 -12.48 -6.72
CA ALA A 418 24.51 -11.77 -7.84
C ALA A 418 25.65 -10.89 -7.34
N LEU A 419 25.44 -10.17 -6.23
CA LEU A 419 26.46 -9.29 -5.68
C LEU A 419 27.67 -10.08 -5.20
N ALA A 420 27.42 -11.24 -4.60
CA ALA A 420 28.51 -12.04 -4.05
C ALA A 420 29.34 -12.69 -5.14
N ALA A 421 28.71 -13.23 -6.18
CA ALA A 421 29.48 -13.76 -7.30
C ALA A 421 30.31 -12.63 -7.92
N GLY A 422 29.76 -11.40 -7.87
CA GLY A 422 30.51 -10.21 -8.23
C GLY A 422 31.17 -10.34 -9.60
N HIS A 423 32.51 -10.29 -9.61
CA HIS A 423 33.29 -10.34 -10.84
C HIS A 423 34.69 -10.91 -10.53
#